data_4A3S
#
_entry.id   4A3S
#
_cell.length_a   102.429
_cell.length_b   77.007
_cell.length_c   101.633
_cell.angle_alpha   90.00
_cell.angle_beta   90.00
_cell.angle_gamma   90.00
#
_symmetry.space_group_name_H-M   'P 21 21 2'
#
loop_
_entity.id
_entity.type
_entity.pdbx_description
1 polymer 6-PHOSPHOFRUCTOKINASE
2 water water
#
_entity_poly.entity_id   1
_entity_poly.type   'polypeptide(L)'
_entity_poly.pdbx_seq_one_letter_code
;MKRIGVLTSGGDSPGMNAAVRAVVRKAIYHDVEVYGIYNGYAGLISGKIEKLELGSVGDIIHRGGTKLYTARCPEFKTVE
GREKGIANLKKLGIEGLVVIGGDGSYMGAKKLTEHGFPCVGVPGTIDNDIPGTDFTIGFDTALNTVIDAIDKIRDTATSH
ERTYVIEVMGRHAGDIALWAGLAGGAESILIPEADYDMHEIIARLKRGHERGKKHSIIIVAEGVGSGVEFGKRIEEETNL
ETRVSVLGHIQRGGSPSAADRVLASRLGAYAVELLLEGKGGRCVGIQNNKLVDHDIIEILETKHTVEQNMYQLSKELSI
;
_entity_poly.pdbx_strand_id   A,B
#
# COMPACT_ATOMS: atom_id res chain seq x y z
N MET A 1 52.08 24.94 0.25
CA MET A 1 51.41 25.84 -0.69
C MET A 1 51.86 27.29 -0.48
N LYS A 2 52.17 27.96 -1.59
CA LYS A 2 52.69 29.33 -1.52
C LYS A 2 51.83 30.32 -2.29
N ARG A 3 50.91 29.78 -3.10
CA ARG A 3 50.07 30.63 -3.93
C ARG A 3 48.67 30.04 -4.15
N ILE A 4 47.65 30.81 -3.76
CA ILE A 4 46.25 30.42 -3.92
C ILE A 4 45.44 31.49 -4.66
N GLY A 5 44.22 31.11 -5.07
CA GLY A 5 43.33 32.04 -5.73
C GLY A 5 42.03 32.09 -4.99
N VAL A 6 41.26 33.17 -5.17
CA VAL A 6 39.96 33.29 -4.51
C VAL A 6 38.99 33.96 -5.46
N LEU A 7 37.75 33.46 -5.49
CA LEU A 7 36.68 34.02 -6.31
C LEU A 7 35.27 33.86 -5.69
N THR A 8 34.34 34.67 -6.17
CA THR A 8 32.96 34.65 -5.73
C THR A 8 32.10 34.32 -6.94
N SER A 9 31.20 33.35 -6.80
CA SER A 9 30.21 33.05 -7.85
C SER A 9 28.81 32.71 -7.30
N GLY A 10 27.81 32.68 -8.18
CA GLY A 10 26.42 32.56 -7.74
C GLY A 10 25.87 33.95 -7.49
N GLY A 11 24.67 34.03 -6.94
CA GLY A 11 24.16 35.31 -6.48
C GLY A 11 25.08 35.92 -5.41
N ASP A 12 25.42 37.19 -5.55
CA ASP A 12 26.23 37.88 -4.55
C ASP A 12 25.43 38.03 -3.25
N SER A 13 26.14 38.14 -2.12
CA SER A 13 25.51 38.31 -0.81
C SER A 13 26.33 39.28 0.07
N PRO A 14 25.67 40.07 0.93
CA PRO A 14 26.44 40.99 1.78
C PRO A 14 27.32 40.20 2.74
N GLY A 15 28.59 40.59 2.85
CA GLY A 15 29.53 39.84 3.65
C GLY A 15 30.54 39.11 2.80
N MET A 16 30.35 39.15 1.48
CA MET A 16 31.30 38.48 0.58
C MET A 16 32.62 39.23 0.60
N ASN A 17 32.53 40.56 0.68
CA ASN A 17 33.76 41.33 0.75
C ASN A 17 34.53 41.02 2.05
N ALA A 18 33.81 40.82 3.16
CA ALA A 18 34.45 40.52 4.42
C ALA A 18 35.14 39.18 4.38
N ALA A 19 34.57 38.23 3.64
CA ALA A 19 35.14 36.89 3.46
C ALA A 19 36.42 36.96 2.63
N VAL A 20 36.30 37.56 1.44
CA VAL A 20 37.50 37.86 0.62
C VAL A 20 38.61 38.52 1.47
N ARG A 21 38.27 39.60 2.19
CA ARG A 21 39.25 40.28 3.04
C ARG A 21 39.92 39.31 3.99
N ALA A 22 39.15 38.35 4.50
CA ALA A 22 39.65 37.40 5.50
C ALA A 22 40.56 36.35 4.87
N VAL A 23 40.16 35.88 3.70
CA VAL A 23 40.99 34.95 2.95
C VAL A 23 42.34 35.58 2.62
N VAL A 24 42.33 36.87 2.25
CA VAL A 24 43.55 37.54 1.84
C VAL A 24 44.47 37.77 3.05
N ARG A 25 43.92 38.36 4.10
CA ARG A 25 44.72 38.69 5.26
C ARG A 25 45.27 37.43 5.92
N LYS A 26 44.48 36.36 5.92
CA LYS A 26 44.85 35.15 6.64
C LYS A 26 45.99 34.45 5.92
N ALA A 27 45.94 34.45 4.59
CA ALA A 27 46.98 33.84 3.75
C ALA A 27 48.29 34.64 3.82
N ILE A 28 48.18 35.95 3.70
CA ILE A 28 49.34 36.83 3.82
C ILE A 28 49.95 36.75 5.21
N TYR A 29 49.13 36.41 6.18
CA TYR A 29 49.63 36.21 7.54
C TYR A 29 50.60 35.03 7.52
N HIS A 30 50.35 34.09 6.62
CA HIS A 30 51.12 32.87 6.57
C HIS A 30 52.14 32.82 5.44
N ASP A 31 52.44 33.98 4.86
CA ASP A 31 53.38 34.08 3.74
C ASP A 31 52.92 33.35 2.46
N VAL A 32 51.62 33.40 2.19
CA VAL A 32 51.08 32.78 0.99
C VAL A 32 50.52 33.89 0.07
N GLU A 33 50.92 33.89 -1.19
CA GLU A 33 50.35 34.88 -2.12
C GLU A 33 48.90 34.56 -2.46
N VAL A 34 48.10 35.61 -2.68
CA VAL A 34 46.70 35.42 -3.09
C VAL A 34 46.32 36.16 -4.35
N TYR A 35 45.63 35.45 -5.24
CA TYR A 35 45.22 36.05 -6.51
C TYR A 35 43.72 36.17 -6.60
N GLY A 36 43.25 37.38 -6.89
CA GLY A 36 41.85 37.65 -7.06
C GLY A 36 41.45 37.27 -8.47
N ILE A 37 40.54 36.29 -8.58
CA ILE A 37 39.96 35.85 -9.86
C ILE A 37 38.60 36.53 -10.02
N TYR A 38 38.44 37.32 -11.08
CA TYR A 38 37.28 38.19 -11.24
C TYR A 38 36.17 37.54 -12.07
N ASN A 39 34.92 37.93 -11.81
CA ASN A 39 33.80 37.44 -12.60
C ASN A 39 33.55 35.93 -12.41
N GLY A 40 33.70 35.48 -11.17
CA GLY A 40 33.45 34.09 -10.84
C GLY A 40 34.36 33.17 -11.64
N TYR A 41 33.81 32.03 -12.07
CA TYR A 41 34.57 31.10 -12.91
C TYR A 41 34.89 31.67 -14.30
N ALA A 42 34.16 32.71 -14.71
CA ALA A 42 34.39 33.30 -16.03
C ALA A 42 35.76 34.00 -16.10
N GLY A 43 36.40 34.17 -14.94
CA GLY A 43 37.73 34.77 -14.86
C GLY A 43 38.85 33.75 -15.05
N LEU A 44 38.57 32.49 -14.71
CA LEU A 44 39.52 31.42 -15.00
C LEU A 44 39.68 31.22 -16.51
N ILE A 45 38.68 31.64 -17.28
CA ILE A 45 38.74 31.53 -18.74
C ILE A 45 39.30 32.80 -19.43
N SER A 46 38.79 33.97 -19.08
CA SER A 46 39.29 35.20 -19.66
C SER A 46 40.70 35.49 -19.13
N GLY A 47 41.07 34.83 -18.03
CA GLY A 47 42.32 35.13 -17.38
C GLY A 47 42.33 36.49 -16.70
N LYS A 48 41.14 37.02 -16.37
CA LYS A 48 41.09 38.28 -15.64
C LYS A 48 41.41 37.97 -14.17
N ILE A 49 42.70 38.02 -13.85
CA ILE A 49 43.24 37.54 -12.57
C ILE A 49 44.36 38.46 -12.12
N GLU A 50 44.34 38.83 -10.85
CA GLU A 50 45.28 39.83 -10.39
C GLU A 50 45.73 39.50 -8.98
N LYS A 51 47.01 39.73 -8.70
CA LYS A 51 47.50 39.52 -7.36
C LYS A 51 46.73 40.48 -6.47
N LEU A 52 46.30 40.00 -5.29
CA LEU A 52 45.65 40.84 -4.29
C LEU A 52 46.64 41.17 -3.16
N GLU A 53 46.84 42.45 -2.91
CA GLU A 53 47.73 42.88 -1.84
C GLU A 53 46.90 43.23 -0.60
N LEU A 54 47.58 43.45 0.52
CA LEU A 54 46.94 43.87 1.76
C LEU A 54 46.03 45.10 1.57
N GLY A 55 46.53 46.12 0.88
CA GLY A 55 45.77 47.34 0.67
C GLY A 55 44.56 47.11 -0.21
N SER A 56 44.57 46.00 -0.95
CA SER A 56 43.43 45.60 -1.78
C SER A 56 42.18 45.37 -0.94
N VAL A 57 42.34 44.79 0.26
CA VAL A 57 41.22 44.45 1.13
C VAL A 57 41.06 45.40 2.32
N GLY A 58 41.53 46.63 2.15
CA GLY A 58 41.70 47.52 3.27
C GLY A 58 40.52 48.45 3.55
N ASP A 59 39.49 48.35 2.73
CA ASP A 59 38.37 49.26 2.88
C ASP A 59 37.13 48.56 2.35
N ILE A 60 36.99 47.27 2.64
CA ILE A 60 35.84 46.52 2.13
C ILE A 60 34.99 45.74 3.15
N ILE A 61 35.50 45.58 4.38
CA ILE A 61 34.82 44.72 5.35
C ILE A 61 33.35 45.12 5.50
N HIS A 62 33.09 46.43 5.49
CA HIS A 62 31.72 46.94 5.61
C HIS A 62 30.93 47.11 4.28
N ARG A 63 31.47 46.56 3.20
CA ARG A 63 30.84 46.81 1.90
C ARG A 63 29.99 45.68 1.37
N GLY A 64 28.79 46.03 0.89
CA GLY A 64 27.93 45.04 0.29
C GLY A 64 28.57 44.55 -1.00
N GLY A 65 28.00 43.50 -1.57
CA GLY A 65 28.45 43.00 -2.85
C GLY A 65 29.80 42.29 -2.80
N THR A 66 30.35 42.04 -3.99
CA THR A 66 31.68 41.45 -4.11
C THR A 66 32.57 42.28 -5.03
N LYS A 67 33.73 42.69 -4.52
CA LYS A 67 34.66 43.47 -5.34
C LYS A 67 35.36 42.62 -6.39
N LEU A 68 35.21 41.29 -6.31
CA LEU A 68 35.75 40.43 -7.38
C LEU A 68 34.69 40.20 -8.47
N TYR A 69 33.47 40.69 -8.26
CA TYR A 69 32.35 40.45 -9.19
C TYR A 69 32.00 38.99 -9.30
N THR A 70 30.91 38.71 -9.98
CA THR A 70 30.46 37.32 -10.14
C THR A 70 29.65 37.16 -11.43
N ALA A 71 29.74 35.96 -12.01
CA ALA A 71 29.09 35.71 -13.28
C ALA A 71 28.87 34.23 -13.52
N ARG A 72 27.86 33.91 -14.33
CA ARG A 72 27.61 32.52 -14.71
C ARG A 72 28.58 32.04 -15.79
N CYS A 73 29.19 30.88 -15.57
CA CYS A 73 30.11 30.34 -16.56
C CYS A 73 29.79 28.92 -17.01
N PRO A 74 28.86 28.80 -17.97
CA PRO A 74 28.56 27.50 -18.57
C PRO A 74 29.79 27.03 -19.33
N GLU A 75 30.47 27.96 -19.99
CA GLU A 75 31.72 27.66 -20.68
C GLU A 75 32.58 26.73 -19.82
N PHE A 76 32.75 27.10 -18.55
CA PHE A 76 33.67 26.41 -17.64
C PHE A 76 33.30 24.97 -17.39
N LYS A 77 32.01 24.67 -17.50
CA LYS A 77 31.50 23.30 -17.33
C LYS A 77 31.96 22.39 -18.47
N THR A 78 32.20 22.97 -19.63
CA THR A 78 32.72 22.20 -20.77
C THR A 78 34.18 21.83 -20.54
N VAL A 79 34.60 20.70 -21.11
CA VAL A 79 35.97 20.23 -20.96
C VAL A 79 36.94 21.30 -21.50
N GLU A 80 36.57 21.92 -22.62
CA GLU A 80 37.36 22.98 -23.23
C GLU A 80 37.54 24.16 -22.27
N GLY A 81 36.42 24.81 -21.94
CA GLY A 81 36.45 25.93 -21.02
C GLY A 81 37.18 25.58 -19.74
N ARG A 82 37.00 24.34 -19.27
CA ARG A 82 37.58 23.89 -18.00
C ARG A 82 39.09 23.91 -18.08
N GLU A 83 39.63 23.39 -19.19
CA GLU A 83 41.07 23.32 -19.36
C GLU A 83 41.73 24.67 -19.73
N LYS A 84 40.97 25.59 -20.34
CA LYS A 84 41.45 26.97 -20.52
C LYS A 84 41.61 27.52 -19.12
N GLY A 85 40.66 27.14 -18.26
CA GLY A 85 40.68 27.55 -16.85
C GLY A 85 41.94 27.06 -16.16
N ILE A 86 42.15 25.74 -16.21
CA ILE A 86 43.31 25.10 -15.58
C ILE A 86 44.62 25.66 -16.09
N ALA A 87 44.67 25.94 -17.39
CA ALA A 87 45.88 26.45 -18.00
C ALA A 87 46.22 27.84 -17.48
N ASN A 88 45.21 28.67 -17.23
CA ASN A 88 45.46 30.00 -16.67
C ASN A 88 46.02 29.91 -15.25
N LEU A 89 45.49 28.94 -14.49
CA LEU A 89 45.95 28.66 -13.12
C LEU A 89 47.41 28.24 -13.11
N LYS A 90 47.75 27.20 -13.88
CA LYS A 90 49.15 26.77 -13.97
C LYS A 90 50.05 27.93 -14.41
N LYS A 91 49.54 28.72 -15.34
CA LYS A 91 50.31 29.81 -15.93
C LYS A 91 50.78 30.77 -14.83
N LEU A 92 49.92 30.97 -13.82
CA LEU A 92 50.26 31.87 -12.72
C LEU A 92 50.73 31.06 -11.50
N GLY A 93 50.80 29.74 -11.67
CA GLY A 93 51.20 28.83 -10.60
C GLY A 93 50.34 28.88 -9.35
N ILE A 94 49.04 29.15 -9.53
CA ILE A 94 48.10 29.11 -8.43
C ILE A 94 47.80 27.64 -8.11
N GLU A 95 47.95 27.24 -6.85
CA GLU A 95 47.90 25.83 -6.48
C GLU A 95 46.55 25.40 -5.87
N GLY A 96 45.77 26.38 -5.41
CA GLY A 96 44.52 26.10 -4.73
C GLY A 96 43.56 27.27 -4.76
N LEU A 97 42.28 26.98 -4.57
CA LEU A 97 41.28 28.04 -4.60
C LEU A 97 40.40 28.01 -3.37
N VAL A 98 40.06 29.20 -2.87
CA VAL A 98 38.90 29.37 -2.00
C VAL A 98 37.74 29.90 -2.84
N VAL A 99 36.65 29.14 -2.89
CA VAL A 99 35.47 29.53 -3.68
C VAL A 99 34.36 30.01 -2.74
N ILE A 100 33.99 31.28 -2.89
CA ILE A 100 32.95 31.89 -2.03
C ILE A 100 31.64 32.07 -2.81
N GLY A 101 30.58 31.41 -2.34
CA GLY A 101 29.26 31.62 -2.91
C GLY A 101 28.30 30.46 -2.81
N GLY A 102 27.39 30.39 -3.78
CA GLY A 102 26.30 29.43 -3.79
C GLY A 102 26.65 27.96 -3.92
N ASP A 103 25.63 27.11 -4.06
CA ASP A 103 25.84 25.68 -4.12
C ASP A 103 26.03 25.22 -5.55
N GLY A 104 25.62 26.06 -6.50
CA GLY A 104 26.08 25.90 -7.86
C GLY A 104 27.61 25.85 -7.84
N SER A 105 28.22 26.82 -7.13
CA SER A 105 29.66 27.00 -7.10
C SER A 105 30.47 25.86 -6.47
N TYR A 106 29.87 25.11 -5.53
CA TYR A 106 30.61 24.01 -4.90
C TYR A 106 31.00 22.90 -5.90
N MET A 107 30.34 22.89 -7.07
CA MET A 107 30.60 21.85 -8.09
C MET A 107 31.90 22.14 -8.82
N GLY A 108 32.09 23.41 -9.18
CA GLY A 108 33.32 23.87 -9.80
C GLY A 108 34.54 23.54 -8.96
N ALA A 109 34.37 23.57 -7.64
CA ALA A 109 35.48 23.43 -6.71
C ALA A 109 35.88 21.97 -6.45
N LYS A 110 34.94 21.06 -6.54
CA LYS A 110 35.21 19.62 -6.41
C LYS A 110 35.84 19.12 -7.71
N LYS A 111 35.34 19.67 -8.82
CA LYS A 111 35.93 19.41 -10.14
C LYS A 111 37.42 19.75 -10.14
N LEU A 112 37.76 20.97 -9.73
CA LEU A 112 39.16 21.39 -9.67
C LEU A 112 40.00 20.52 -8.74
N THR A 113 39.40 20.07 -7.64
CA THR A 113 40.13 19.25 -6.67
C THR A 113 40.57 17.91 -7.30
N GLU A 114 39.66 17.30 -8.06
CA GLU A 114 39.96 16.05 -8.76
C GLU A 114 41.01 16.23 -9.84
N HIS A 115 41.21 17.46 -10.31
CA HIS A 115 42.21 17.74 -11.33
C HIS A 115 43.48 18.40 -10.73
N GLY A 116 43.79 18.07 -9.47
CA GLY A 116 45.02 18.47 -8.82
C GLY A 116 45.03 19.87 -8.25
N PHE A 117 43.91 20.57 -8.33
CA PHE A 117 43.80 21.91 -7.75
C PHE A 117 42.83 21.88 -6.54
N PRO A 118 43.40 21.69 -5.34
CA PRO A 118 42.56 21.62 -4.13
C PRO A 118 41.74 22.91 -3.98
N CYS A 119 40.45 22.73 -3.71
CA CYS A 119 39.56 23.87 -3.53
C CYS A 119 38.75 23.73 -2.24
N VAL A 120 38.58 24.85 -1.55
CA VAL A 120 37.71 24.89 -0.40
C VAL A 120 36.53 25.83 -0.62
N GLY A 121 35.32 25.32 -0.36
CA GLY A 121 34.10 26.08 -0.56
C GLY A 121 33.57 26.82 0.64
N VAL A 122 33.05 28.02 0.38
CA VAL A 122 32.63 28.90 1.45
C VAL A 122 31.23 29.41 1.11
N PRO A 123 30.28 29.19 2.04
CA PRO A 123 28.86 29.46 1.79
C PRO A 123 28.46 30.94 1.75
N GLY A 124 28.30 31.48 0.55
CA GLY A 124 27.85 32.86 0.40
C GLY A 124 26.54 32.92 -0.39
N THR A 125 25.44 33.17 0.32
CA THR A 125 24.10 33.35 -0.26
C THR A 125 23.17 33.88 0.82
N ILE A 126 22.24 34.78 0.45
CA ILE A 126 21.24 35.26 1.42
C ILE A 126 20.17 34.19 1.75
N ASP A 127 20.12 33.15 0.93
CA ASP A 127 19.03 32.15 0.99
C ASP A 127 19.14 31.17 2.16
N ASN A 128 20.34 31.10 2.75
CA ASN A 128 20.58 30.22 3.90
C ASN A 128 20.31 28.76 3.56
N ASP A 129 20.50 28.41 2.29
CA ASP A 129 20.12 27.09 1.75
C ASP A 129 21.29 26.18 1.34
N ILE A 130 22.44 26.39 1.95
CA ILE A 130 23.60 25.57 1.67
C ILE A 130 23.79 24.52 2.78
N PRO A 131 23.73 23.24 2.41
CA PRO A 131 23.97 22.15 3.36
C PRO A 131 25.40 22.22 3.95
N GLY A 132 25.56 21.73 5.18
CA GLY A 132 26.85 21.76 5.84
C GLY A 132 26.98 22.98 6.73
N THR A 133 25.98 23.87 6.68
CA THR A 133 25.99 25.05 7.53
C THR A 133 24.58 25.43 8.00
N ASP A 134 24.45 25.76 9.29
CA ASP A 134 23.19 26.29 9.81
C ASP A 134 22.91 27.64 9.15
N PHE A 135 23.98 28.34 8.76
CA PHE A 135 23.88 29.73 8.31
C PHE A 135 24.86 30.03 7.16
N THR A 136 24.39 30.84 6.22
CA THR A 136 25.20 31.20 5.09
C THR A 136 25.43 32.70 5.16
N ILE A 137 26.55 33.15 4.61
CA ILE A 137 26.93 34.55 4.69
C ILE A 137 26.00 35.42 3.86
N GLY A 138 25.29 36.31 4.55
CA GLY A 138 24.34 37.22 3.89
C GLY A 138 22.91 36.99 4.35
N PHE A 139 22.64 35.80 4.91
CA PHE A 139 21.32 35.50 5.46
C PHE A 139 20.92 36.58 6.47
N ASP A 140 21.69 36.70 7.53
CA ASP A 140 21.35 37.63 8.62
C ASP A 140 21.10 39.04 8.09
N THR A 141 21.94 39.49 7.16
CA THR A 141 21.78 40.83 6.58
C THR A 141 20.47 40.93 5.77
N ALA A 142 20.13 39.85 5.07
CA ALA A 142 18.86 39.78 4.34
C ALA A 142 17.67 39.93 5.27
N LEU A 143 17.71 39.19 6.38
CA LEU A 143 16.67 39.24 7.39
C LEU A 143 16.47 40.66 7.82
N ASN A 144 17.55 41.35 8.10
CA ASN A 144 17.39 42.70 8.58
C ASN A 144 16.81 43.62 7.53
N THR A 145 17.15 43.36 6.28
CA THR A 145 16.62 44.16 5.18
C THR A 145 15.11 43.93 5.10
N VAL A 146 14.70 42.67 5.20
CA VAL A 146 13.29 42.33 5.17
C VAL A 146 12.50 42.96 6.33
N ILE A 147 12.88 42.67 7.57
CA ILE A 147 12.15 43.22 8.70
C ILE A 147 12.09 44.73 8.65
N ASP A 148 13.16 45.37 8.19
CA ASP A 148 13.12 46.81 8.02
C ASP A 148 11.99 47.26 7.06
N ALA A 149 11.82 46.52 5.96
CA ALA A 149 10.75 46.83 5.00
C ALA A 149 9.35 46.54 5.55
N ILE A 150 9.20 45.36 6.17
CA ILE A 150 8.01 45.01 6.93
C ILE A 150 7.64 46.09 7.95
N ASP A 151 8.60 46.53 8.76
CA ASP A 151 8.29 47.55 9.75
C ASP A 151 7.69 48.79 9.11
N LYS A 152 8.07 49.06 7.88
CA LYS A 152 7.63 50.28 7.23
C LYS A 152 6.24 50.07 6.64
N ILE A 153 5.99 48.83 6.23
CA ILE A 153 4.69 48.48 5.67
C ILE A 153 3.63 48.39 6.77
N ARG A 154 3.99 47.81 7.91
CA ARG A 154 3.14 47.83 9.09
C ARG A 154 2.64 49.24 9.43
N ASP A 155 3.51 50.26 9.35
CA ASP A 155 3.07 51.65 9.57
C ASP A 155 1.89 52.00 8.69
N THR A 156 2.00 51.75 7.39
CA THR A 156 0.93 52.16 6.49
C THR A 156 -0.29 51.22 6.55
N ALA A 157 -0.02 49.91 6.64
CA ALA A 157 -1.09 48.93 6.85
C ALA A 157 -1.93 49.24 8.09
N THR A 158 -1.26 49.68 9.16
CA THR A 158 -1.94 50.01 10.41
C THR A 158 -2.76 51.29 10.29
N SER A 159 -2.16 52.33 9.72
CA SER A 159 -2.84 53.59 9.53
C SER A 159 -4.13 53.47 8.68
N HIS A 160 -4.11 52.55 7.72
CA HIS A 160 -5.20 52.42 6.75
C HIS A 160 -6.04 51.20 7.02
N GLU A 161 -5.63 50.41 8.00
CA GLU A 161 -6.35 49.20 8.35
C GLU A 161 -6.48 48.32 7.11
N ARG A 162 -5.33 48.06 6.49
CA ARG A 162 -5.28 47.19 5.34
C ARG A 162 -4.51 45.92 5.67
N THR A 163 -4.74 44.90 4.84
CA THR A 163 -4.02 43.64 4.90
C THR A 163 -3.02 43.56 3.75
N TYR A 164 -1.80 43.09 4.05
CA TYR A 164 -0.70 43.09 3.11
C TYR A 164 -0.11 41.72 2.90
N VAL A 165 0.16 41.40 1.62
CA VAL A 165 0.94 40.22 1.28
C VAL A 165 2.34 40.69 0.88
N ILE A 166 3.37 40.13 1.51
CA ILE A 166 4.74 40.53 1.21
C ILE A 166 5.55 39.33 0.72
N GLU A 167 6.02 39.41 -0.52
CA GLU A 167 6.85 38.36 -1.08
C GLU A 167 8.34 38.59 -0.77
N VAL A 168 8.98 37.58 -0.19
CA VAL A 168 10.40 37.66 0.11
C VAL A 168 11.16 36.67 -0.76
N MET A 169 12.43 36.98 -1.04
CA MET A 169 13.28 36.05 -1.76
C MET A 169 13.59 34.83 -0.89
N GLY A 170 14.41 33.92 -1.43
CA GLY A 170 14.81 32.73 -0.71
C GLY A 170 15.00 31.58 -1.68
N ARG A 171 14.65 31.80 -2.96
CA ARG A 171 14.78 30.80 -4.00
C ARG A 171 13.84 29.64 -3.69
N HIS A 172 14.42 28.50 -3.31
CA HIS A 172 13.64 27.33 -2.92
C HIS A 172 13.50 27.11 -1.39
N ALA A 173 14.12 27.98 -0.61
CA ALA A 173 14.10 27.80 0.84
C ALA A 173 13.22 28.84 1.60
N GLY A 174 12.56 28.38 2.65
CA GLY A 174 11.67 29.24 3.38
C GLY A 174 12.31 29.98 4.55
N ASP A 175 13.63 29.90 4.69
CA ASP A 175 14.31 30.46 5.88
C ASP A 175 14.12 31.97 6.02
N ILE A 176 14.32 32.70 4.92
CA ILE A 176 14.08 34.14 4.97
C ILE A 176 12.64 34.44 5.41
N ALA A 177 11.67 33.86 4.71
CA ALA A 177 10.26 34.04 5.06
C ALA A 177 9.97 33.61 6.51
N LEU A 178 10.50 32.46 6.91
CA LEU A 178 10.21 31.93 8.25
C LEU A 178 10.74 32.83 9.37
N TRP A 179 12.00 33.22 9.26
CA TRP A 179 12.66 34.02 10.28
C TRP A 179 12.13 35.44 10.28
N ALA A 180 11.85 35.96 9.08
CA ALA A 180 11.38 37.34 8.98
C ALA A 180 9.90 37.46 9.37
N GLY A 181 9.12 36.43 9.03
CA GLY A 181 7.74 36.37 9.46
C GLY A 181 7.72 36.38 10.98
N LEU A 182 8.35 35.38 11.58
CA LEU A 182 8.46 35.37 13.04
C LEU A 182 8.82 36.76 13.57
N ALA A 183 9.91 37.30 13.04
CA ALA A 183 10.50 38.53 13.59
C ALA A 183 9.64 39.75 13.42
N GLY A 184 8.72 39.69 12.45
CA GLY A 184 7.88 40.84 12.18
C GLY A 184 6.48 40.64 12.76
N GLY A 185 6.24 39.49 13.38
CA GLY A 185 4.93 39.15 13.91
C GLY A 185 3.91 39.06 12.79
N ALA A 186 4.18 38.22 11.80
CA ALA A 186 3.28 38.14 10.68
C ALA A 186 2.10 37.28 11.07
N GLU A 187 0.93 37.60 10.53
CA GLU A 187 -0.27 36.84 10.83
C GLU A 187 -0.14 35.41 10.30
N SER A 188 0.48 35.28 9.12
CA SER A 188 0.78 33.93 8.62
C SER A 188 1.99 33.92 7.70
N ILE A 189 2.54 32.71 7.52
CA ILE A 189 3.80 32.54 6.79
C ILE A 189 3.68 31.33 5.87
N LEU A 190 3.98 31.54 4.60
CA LEU A 190 3.95 30.50 3.59
C LEU A 190 5.36 30.12 3.12
N ILE A 191 5.72 28.87 3.36
CA ILE A 191 7.05 28.41 3.07
C ILE A 191 6.97 27.01 2.48
N PRO A 192 7.94 26.67 1.61
CA PRO A 192 7.92 25.40 0.88
C PRO A 192 7.98 24.19 1.82
N GLU A 193 8.66 24.34 2.95
CA GLU A 193 8.92 23.20 3.83
C GLU A 193 7.70 22.76 4.65
N ALA A 194 6.71 23.64 4.78
CA ALA A 194 5.56 23.34 5.64
C ALA A 194 4.24 23.62 4.95
N ASP A 195 3.29 22.71 5.14
CA ASP A 195 1.98 22.88 4.52
C ASP A 195 1.27 24.11 5.05
N TYR A 196 0.60 24.80 4.13
CA TYR A 196 -0.35 25.84 4.47
C TYR A 196 -1.69 25.49 3.85
N ASP A 197 -2.75 26.06 4.42
CA ASP A 197 -4.07 25.99 3.83
C ASP A 197 -4.63 27.41 3.69
N MET A 198 -4.94 27.80 2.46
CA MET A 198 -5.39 29.17 2.16
C MET A 198 -6.70 29.54 2.83
N HIS A 199 -7.49 28.53 3.14
CA HIS A 199 -8.80 28.74 3.72
C HIS A 199 -8.63 28.89 5.22
N GLU A 200 -7.71 28.11 5.78
CA GLU A 200 -7.29 28.22 7.17
C GLU A 200 -6.70 29.61 7.42
N ILE A 201 -6.13 30.18 6.36
CA ILE A 201 -5.50 31.49 6.42
C ILE A 201 -6.52 32.62 6.35
N ILE A 202 -7.52 32.48 5.48
CA ILE A 202 -8.63 33.43 5.44
C ILE A 202 -9.36 33.38 6.78
N ALA A 203 -9.57 32.15 7.27
CA ALA A 203 -10.23 31.93 8.54
C ALA A 203 -9.54 32.69 9.68
N ARG A 204 -8.24 32.47 9.85
CA ARG A 204 -7.48 33.12 10.90
C ARG A 204 -7.60 34.64 10.80
N LEU A 205 -8.05 35.07 9.62
CA LEU A 205 -7.94 36.46 9.20
C LEU A 205 -9.27 37.19 9.39
N LYS A 206 -10.35 36.43 9.25
CA LYS A 206 -11.70 36.90 9.57
C LYS A 206 -11.88 36.93 11.08
N ARG A 207 -11.31 35.93 11.74
CA ARG A 207 -11.39 35.79 13.20
C ARG A 207 -10.37 36.70 13.86
N GLY A 208 -9.73 37.53 13.05
CA GLY A 208 -8.83 38.56 13.55
C GLY A 208 -9.53 39.90 13.48
N HIS A 209 -10.24 40.14 12.38
CA HIS A 209 -10.95 41.40 12.21
C HIS A 209 -12.31 41.37 12.94
N GLU A 210 -12.76 40.16 13.29
CA GLU A 210 -13.86 40.00 14.23
C GLU A 210 -13.46 40.68 15.53
N ARG A 211 -12.42 40.13 16.16
CA ARG A 211 -11.89 40.67 17.41
C ARG A 211 -11.19 42.04 17.25
N GLY A 212 -11.22 42.59 16.05
CA GLY A 212 -10.73 43.94 15.83
C GLY A 212 -9.26 44.12 15.47
N LYS A 213 -8.67 43.13 14.82
CA LYS A 213 -7.41 43.36 14.10
C LYS A 213 -7.83 44.04 12.82
N LYS A 214 -7.37 45.26 12.62
CA LYS A 214 -7.76 45.99 11.42
C LYS A 214 -6.83 45.67 10.23
N HIS A 215 -5.63 45.21 10.56
CA HIS A 215 -4.57 45.00 9.58
C HIS A 215 -3.82 43.68 9.84
N SER A 216 -3.28 43.11 8.79
CA SER A 216 -2.54 41.86 8.89
C SER A 216 -1.39 41.87 7.89
N ILE A 217 -0.34 41.13 8.20
CA ILE A 217 0.77 40.95 7.29
C ILE A 217 0.93 39.46 7.00
N ILE A 218 0.96 39.09 5.73
CA ILE A 218 1.19 37.70 5.39
C ILE A 218 2.47 37.61 4.62
N ILE A 219 3.29 36.62 4.95
CA ILE A 219 4.63 36.51 4.34
C ILE A 219 4.72 35.33 3.38
N VAL A 220 5.20 35.57 2.17
CA VAL A 220 5.24 34.48 1.20
C VAL A 220 6.64 34.29 0.63
N ALA A 221 7.23 33.13 0.89
CA ALA A 221 8.49 32.79 0.23
C ALA A 221 8.20 32.68 -1.27
N GLU A 222 9.10 33.26 -2.08
CA GLU A 222 8.95 33.20 -3.53
C GLU A 222 8.95 31.73 -4.03
N GLY A 223 9.44 30.81 -3.19
CA GLY A 223 9.48 29.39 -3.54
C GLY A 223 8.14 28.66 -3.42
N VAL A 224 7.11 29.37 -2.94
CA VAL A 224 5.77 28.81 -2.90
C VAL A 224 4.91 29.39 -4.01
N GLY A 225 5.19 30.63 -4.40
CA GLY A 225 4.45 31.26 -5.49
C GLY A 225 4.46 32.78 -5.44
N SER A 226 3.53 33.37 -6.17
CA SER A 226 3.50 34.81 -6.38
C SER A 226 2.57 35.53 -5.41
N GLY A 227 3.06 36.60 -4.81
CA GLY A 227 2.25 37.38 -3.89
C GLY A 227 1.08 38.06 -4.59
N VAL A 228 1.27 38.41 -5.85
CA VAL A 228 0.22 39.08 -6.60
C VAL A 228 -0.93 38.11 -6.85
N GLU A 229 -0.63 36.82 -6.71
CA GLU A 229 -1.57 35.71 -6.91
C GLU A 229 -2.34 35.53 -5.59
N PHE A 230 -1.60 35.35 -4.49
CA PHE A 230 -2.21 35.16 -3.16
C PHE A 230 -3.06 36.35 -2.75
N GLY A 231 -2.61 37.55 -3.09
CA GLY A 231 -3.34 38.76 -2.75
C GLY A 231 -4.71 38.83 -3.41
N LYS A 232 -4.80 38.32 -4.63
CA LYS A 232 -6.06 38.44 -5.35
C LYS A 232 -7.05 37.39 -4.90
N ARG A 233 -6.54 36.18 -4.71
CA ARG A 233 -7.32 35.07 -4.21
C ARG A 233 -7.81 35.35 -2.79
N ILE A 234 -7.14 36.30 -2.13
CA ILE A 234 -7.57 36.76 -0.82
C ILE A 234 -8.63 37.86 -0.92
N GLU A 235 -8.43 38.82 -1.81
CA GLU A 235 -9.38 39.90 -2.05
C GLU A 235 -10.76 39.33 -2.42
N GLU A 236 -10.75 38.15 -3.03
CA GLU A 236 -11.98 37.54 -3.52
C GLU A 236 -12.81 36.97 -2.40
N GLU A 237 -12.17 36.22 -1.51
CA GLU A 237 -12.89 35.52 -0.46
C GLU A 237 -13.04 36.34 0.82
N THR A 238 -12.71 37.62 0.74
CA THR A 238 -12.89 38.51 1.88
C THR A 238 -13.46 39.85 1.42
N ASN A 239 -13.38 40.12 0.12
CA ASN A 239 -13.80 41.40 -0.44
C ASN A 239 -13.17 42.57 0.33
N LEU A 240 -11.94 42.33 0.78
CA LEU A 240 -11.30 43.20 1.75
C LEU A 240 -9.98 43.79 1.25
N GLU A 241 -9.97 45.11 1.05
CA GLU A 241 -8.78 45.89 0.73
C GLU A 241 -7.47 45.14 0.99
N THR A 242 -6.92 44.55 -0.07
CA THR A 242 -5.65 43.84 0.02
C THR A 242 -4.54 44.55 -0.81
N ARG A 243 -3.32 44.59 -0.27
CA ARG A 243 -2.17 45.11 -1.02
C ARG A 243 -1.02 44.10 -1.07
N VAL A 244 -0.31 44.06 -2.21
CA VAL A 244 0.84 43.18 -2.37
C VAL A 244 2.11 44.01 -2.55
N SER A 245 3.20 43.56 -1.95
CA SER A 245 4.48 44.19 -2.24
C SER A 245 5.52 43.10 -2.45
N VAL A 246 6.27 43.21 -3.55
CA VAL A 246 7.33 42.25 -3.86
C VAL A 246 8.68 42.93 -3.56
N LEU A 247 9.26 42.57 -2.42
CA LEU A 247 10.46 43.25 -1.95
C LEU A 247 11.57 43.30 -3.01
N GLY A 248 11.87 42.16 -3.63
CA GLY A 248 12.82 42.17 -4.72
C GLY A 248 14.28 42.20 -4.30
N HIS A 249 15.12 42.75 -5.19
CA HIS A 249 16.58 42.62 -5.09
C HIS A 249 17.30 43.43 -4.01
N ILE A 250 16.57 44.33 -3.32
CA ILE A 250 17.12 45.01 -2.17
C ILE A 250 17.61 43.98 -1.17
N GLN A 251 16.96 42.80 -1.13
CA GLN A 251 17.33 41.77 -0.16
C GLN A 251 18.75 41.26 -0.38
N ARG A 252 19.32 41.61 -1.54
CA ARG A 252 20.63 41.10 -1.91
C ARG A 252 21.78 42.06 -1.58
N GLY A 253 21.47 43.34 -1.48
CA GLY A 253 22.50 44.36 -1.36
C GLY A 253 22.69 44.86 0.05
N GLY A 254 23.49 45.93 0.19
CA GLY A 254 23.62 46.61 1.46
C GLY A 254 24.81 46.16 2.31
N SER A 255 25.33 47.09 3.12
CA SER A 255 26.37 46.78 4.08
C SER A 255 25.96 45.67 5.06
N PRO A 256 26.75 44.58 5.13
CA PRO A 256 26.40 43.42 5.96
C PRO A 256 26.30 43.69 7.46
N SER A 257 25.37 43.00 8.11
CA SER A 257 25.20 43.01 9.56
C SER A 257 26.49 42.58 10.28
N ALA A 258 26.58 42.88 11.56
CA ALA A 258 27.72 42.43 12.37
C ALA A 258 27.81 40.89 12.32
N ALA A 259 26.65 40.23 12.34
CA ALA A 259 26.62 38.77 12.31
C ALA A 259 27.29 38.23 11.06
N ASP A 260 26.96 38.81 9.90
CA ASP A 260 27.53 38.34 8.62
C ASP A 260 29.02 38.67 8.49
N ARG A 261 29.44 39.83 8.97
CA ARG A 261 30.89 40.17 8.97
C ARG A 261 31.68 39.13 9.75
N VAL A 262 31.26 38.89 10.97
CA VAL A 262 31.94 37.92 11.81
C VAL A 262 31.96 36.53 11.17
N LEU A 263 30.80 36.10 10.68
CA LEU A 263 30.68 34.78 10.06
C LEU A 263 31.65 34.70 8.86
N ALA A 264 31.61 35.71 7.99
CA ALA A 264 32.44 35.70 6.79
C ALA A 264 33.93 35.71 7.18
N SER A 265 34.29 36.56 8.14
CA SER A 265 35.69 36.57 8.64
C SER A 265 36.09 35.20 9.17
N ARG A 266 35.24 34.58 9.97
CA ARG A 266 35.59 33.29 10.56
C ARG A 266 35.73 32.19 9.51
N LEU A 267 34.80 32.14 8.57
CA LEU A 267 34.77 31.05 7.60
C LEU A 267 35.85 31.25 6.53
N GLY A 268 36.09 32.50 6.16
CA GLY A 268 37.12 32.83 5.18
C GLY A 268 38.46 32.34 5.67
N ALA A 269 38.84 32.75 6.89
CA ALA A 269 40.13 32.34 7.45
C ALA A 269 40.20 30.82 7.60
N TYR A 270 39.07 30.23 7.97
CA TYR A 270 39.01 28.80 8.20
C TYR A 270 39.33 28.10 6.90
N ALA A 271 38.75 28.59 5.81
CA ALA A 271 38.94 27.97 4.49
C ALA A 271 40.42 27.92 4.10
N VAL A 272 41.08 29.06 4.19
CA VAL A 272 42.52 29.13 3.95
C VAL A 272 43.28 28.07 4.76
N GLU A 273 42.91 27.95 6.04
CA GLU A 273 43.52 27.01 6.98
C GLU A 273 43.58 25.59 6.42
N LEU A 274 42.48 25.14 5.84
CA LEU A 274 42.36 23.77 5.35
C LEU A 274 43.09 23.59 4.04
N LEU A 275 43.04 24.62 3.19
CA LEU A 275 43.77 24.62 1.93
C LEU A 275 45.24 24.40 2.28
N LEU A 276 45.75 25.27 3.15
CA LEU A 276 47.16 25.24 3.58
C LEU A 276 47.48 23.99 4.38
N GLU A 277 46.54 23.05 4.39
CA GLU A 277 46.68 21.93 5.28
C GLU A 277 46.68 20.61 4.52
N GLY A 278 46.41 20.68 3.23
CA GLY A 278 46.39 19.50 2.38
C GLY A 278 45.00 18.92 2.26
N LYS A 279 44.01 19.67 2.73
CA LYS A 279 42.60 19.30 2.58
C LYS A 279 42.06 19.94 1.30
N GLY A 280 41.33 19.18 0.50
CA GLY A 280 40.72 19.68 -0.70
C GLY A 280 39.38 19.02 -0.91
N GLY A 281 38.50 19.66 -1.68
CA GLY A 281 37.14 19.17 -1.88
C GLY A 281 36.28 19.28 -0.64
N ARG A 282 36.61 20.26 0.20
CA ARG A 282 35.84 20.47 1.42
C ARG A 282 35.12 21.81 1.35
N CYS A 283 34.02 21.91 2.09
CA CYS A 283 33.35 23.19 2.31
C CYS A 283 33.27 23.38 3.82
N VAL A 284 33.28 24.63 4.27
CA VAL A 284 33.19 24.89 5.70
C VAL A 284 31.82 25.44 6.06
N GLY A 285 31.60 25.64 7.36
CA GLY A 285 30.37 26.25 7.84
C GLY A 285 30.26 26.25 9.34
N ILE A 286 29.09 26.65 9.83
CA ILE A 286 28.83 26.68 11.28
C ILE A 286 27.63 25.82 11.62
N GLN A 287 27.86 24.80 12.44
CA GLN A 287 26.80 23.88 12.84
C GLN A 287 26.81 23.72 14.36
N ASN A 288 25.63 23.91 14.97
CA ASN A 288 25.52 23.86 16.42
C ASN A 288 26.51 24.84 17.03
N ASN A 289 26.54 26.04 16.46
CA ASN A 289 27.48 27.08 16.86
C ASN A 289 28.97 26.67 16.89
N LYS A 290 29.31 25.66 16.10
CA LYS A 290 30.71 25.21 15.96
C LYS A 290 31.15 25.21 14.50
N LEU A 291 32.36 25.73 14.26
CA LEU A 291 32.97 25.71 12.94
C LEU A 291 33.29 24.29 12.48
N VAL A 292 32.76 23.91 11.31
CA VAL A 292 32.93 22.57 10.76
C VAL A 292 33.28 22.60 9.27
N ASP A 293 33.77 21.48 8.76
CA ASP A 293 34.08 21.37 7.34
C ASP A 293 33.66 19.98 6.93
N HIS A 294 33.36 19.82 5.65
CA HIS A 294 32.75 18.60 5.15
C HIS A 294 33.22 18.23 3.77
N ASP A 295 33.38 16.94 3.51
CA ASP A 295 33.60 16.48 2.15
C ASP A 295 32.41 16.94 1.31
N ILE A 296 32.67 17.70 0.26
CA ILE A 296 31.63 18.34 -0.53
C ILE A 296 30.61 17.36 -1.10
N ILE A 297 31.12 16.27 -1.67
CA ILE A 297 30.26 15.30 -2.33
C ILE A 297 29.36 14.57 -1.33
N GLU A 298 29.88 14.32 -0.13
CA GLU A 298 29.13 13.62 0.90
C GLU A 298 27.84 14.37 1.24
N ILE A 299 27.83 15.67 1.01
CA ILE A 299 26.79 16.51 1.59
C ILE A 299 26.07 17.38 0.58
N LEU A 300 26.34 17.16 -0.69
CA LEU A 300 25.53 17.78 -1.73
C LEU A 300 24.26 16.93 -1.91
N GLU A 301 24.27 15.74 -1.32
CA GLU A 301 23.11 14.85 -1.31
C GLU A 301 22.08 15.32 -0.31
N THR A 302 22.57 15.71 0.86
CA THR A 302 21.71 16.06 2.00
C THR A 302 20.79 17.25 1.71
N LYS A 303 19.53 17.10 2.11
CA LYS A 303 18.45 18.02 1.72
C LYS A 303 18.11 19.02 2.84
N HIS A 304 17.72 20.23 2.44
CA HIS A 304 17.59 21.36 3.35
C HIS A 304 16.36 21.34 4.28
N THR A 305 16.60 21.68 5.55
CA THR A 305 15.53 21.81 6.53
C THR A 305 15.48 23.19 7.15
N VAL A 306 14.26 23.70 7.34
CA VAL A 306 14.05 24.79 8.27
C VAL A 306 13.82 24.10 9.60
N GLU A 307 13.78 24.87 10.70
CA GLU A 307 13.44 24.25 11.97
C GLU A 307 11.92 24.28 12.15
N GLN A 308 11.29 23.09 12.15
CA GLN A 308 9.82 23.01 12.20
C GLN A 308 9.27 23.55 13.54
N ASN A 309 10.03 23.33 14.61
CA ASN A 309 9.70 23.86 15.93
C ASN A 309 9.57 25.39 15.91
N MET A 310 10.21 26.02 14.93
CA MET A 310 10.13 27.47 14.75
C MET A 310 8.89 27.86 13.95
N TYR A 311 8.43 26.98 13.04
CA TYR A 311 7.19 27.23 12.31
C TYR A 311 5.94 27.11 13.22
N GLN A 312 5.91 26.05 14.02
CA GLN A 312 4.87 25.91 15.04
C GLN A 312 4.73 27.21 15.81
N LEU A 313 5.85 27.67 16.36
CA LEU A 313 5.85 28.86 17.20
C LEU A 313 5.16 30.03 16.49
N SER A 314 5.52 30.25 15.23
CA SER A 314 4.89 31.31 14.44
C SER A 314 3.36 31.16 14.39
N LYS A 315 2.89 29.91 14.33
CA LYS A 315 1.43 29.65 14.35
C LYS A 315 0.85 30.09 15.69
N GLU A 316 1.49 29.64 16.77
CA GLU A 316 1.08 29.90 18.14
C GLU A 316 1.10 31.38 18.53
N LEU A 317 1.95 32.17 17.88
CA LEU A 317 2.07 33.59 18.27
C LEU A 317 1.26 34.53 17.38
N SER A 318 0.61 33.98 16.37
CA SER A 318 -0.14 34.81 15.41
C SER A 318 -1.63 34.90 15.75
N ILE A 319 -2.15 33.82 16.34
CA ILE A 319 -3.59 33.56 16.44
C ILE A 319 -4.52 34.79 16.33
N MET B 1 7.45 -39.22 -2.88
CA MET B 1 6.67 -38.33 -3.74
C MET B 1 6.97 -36.86 -3.50
N LYS B 2 7.18 -36.12 -4.59
CA LYS B 2 7.59 -34.73 -4.51
C LYS B 2 6.62 -33.80 -5.19
N ARG B 3 5.73 -34.37 -6.00
CA ARG B 3 4.78 -33.55 -6.75
C ARG B 3 3.44 -34.25 -6.96
N ILE B 4 2.38 -33.59 -6.49
CA ILE B 4 1.01 -34.11 -6.60
C ILE B 4 0.07 -33.08 -7.27
N GLY B 5 -1.10 -33.56 -7.68
CA GLY B 5 -2.14 -32.73 -8.26
C GLY B 5 -3.42 -32.81 -7.43
N VAL B 6 -4.31 -31.83 -7.58
CA VAL B 6 -5.56 -31.85 -6.86
C VAL B 6 -6.66 -31.26 -7.72
N LEU B 7 -7.84 -31.85 -7.65
CA LEU B 7 -8.98 -31.34 -8.43
C LEU B 7 -10.31 -31.65 -7.76
N THR B 8 -11.33 -30.90 -8.17
CA THR B 8 -12.68 -31.06 -7.68
C THR B 8 -13.61 -31.40 -8.85
N SER B 9 -14.41 -32.48 -8.73
CA SER B 9 -15.40 -32.84 -9.76
C SER B 9 -16.74 -33.32 -9.16
N GLY B 10 -17.75 -33.44 -10.03
CA GLY B 10 -19.12 -33.70 -9.58
C GLY B 10 -19.75 -32.36 -9.21
N GLY B 11 -20.92 -32.39 -8.60
CA GLY B 11 -21.51 -31.16 -8.08
C GLY B 11 -20.63 -30.53 -7.00
N ASP B 12 -20.34 -29.22 -7.13
CA ASP B 12 -19.61 -28.50 -6.08
C ASP B 12 -20.38 -28.47 -4.76
N SER B 13 -19.64 -28.36 -3.66
CA SER B 13 -20.23 -28.31 -2.33
C SER B 13 -19.45 -27.29 -1.46
N PRO B 14 -20.14 -26.62 -0.51
CA PRO B 14 -19.40 -25.64 0.32
C PRO B 14 -18.42 -26.39 1.24
N GLY B 15 -17.19 -25.90 1.32
CA GLY B 15 -16.17 -26.61 2.04
C GLY B 15 -15.14 -27.21 1.10
N MET B 16 -15.38 -27.14 -0.21
CA MET B 16 -14.40 -27.65 -1.18
C MET B 16 -13.15 -26.76 -1.20
N ASN B 17 -13.36 -25.45 -1.10
CA ASN B 17 -12.20 -24.58 -0.96
C ASN B 17 -11.35 -24.87 0.29
N ALA B 18 -12.02 -25.23 1.38
CA ALA B 18 -11.30 -25.48 2.62
C ALA B 18 -10.49 -26.77 2.50
N ALA B 19 -10.99 -27.72 1.71
CA ALA B 19 -10.28 -28.99 1.47
C ALA B 19 -9.05 -28.75 0.61
N VAL B 20 -9.28 -28.09 -0.52
CA VAL B 20 -8.19 -27.69 -1.39
C VAL B 20 -7.11 -26.99 -0.59
N ARG B 21 -7.53 -25.99 0.21
CA ARG B 21 -6.58 -25.24 1.02
C ARG B 21 -5.77 -26.20 1.90
N ALA B 22 -6.44 -27.23 2.39
CA ALA B 22 -5.82 -28.15 3.33
C ALA B 22 -4.84 -29.08 2.62
N VAL B 23 -5.21 -29.49 1.41
CA VAL B 23 -4.34 -30.36 0.64
C VAL B 23 -3.05 -29.60 0.28
N VAL B 24 -3.20 -28.31 0.00
CA VAL B 24 -2.07 -27.52 -0.45
C VAL B 24 -1.13 -27.25 0.74
N ARG B 25 -1.68 -26.72 1.82
CA ARG B 25 -0.87 -26.38 2.98
C ARG B 25 -0.18 -27.62 3.56
N LYS B 26 -0.87 -28.76 3.51
CA LYS B 26 -0.33 -29.96 4.17
C LYS B 26 0.84 -30.52 3.39
N ALA B 27 0.71 -30.46 2.07
CA ALA B 27 1.75 -30.94 1.17
C ALA B 27 2.99 -30.04 1.24
N ILE B 28 2.78 -28.74 1.17
CA ILE B 28 3.86 -27.77 1.23
C ILE B 28 4.54 -27.85 2.60
N TYR B 29 3.80 -28.29 3.59
CA TYR B 29 4.40 -28.48 4.91
C TYR B 29 5.48 -29.56 4.78
N HIS B 30 5.24 -30.50 3.87
CA HIS B 30 6.10 -31.67 3.72
C HIS B 30 7.03 -31.59 2.52
N ASP B 31 7.21 -30.37 2.01
CA ASP B 31 8.11 -30.11 0.88
C ASP B 31 7.68 -30.81 -0.40
N VAL B 32 6.37 -30.92 -0.59
CA VAL B 32 5.81 -31.51 -1.80
C VAL B 32 5.11 -30.44 -2.65
N GLU B 33 5.43 -30.37 -3.93
CA GLU B 33 4.74 -29.42 -4.80
C GLU B 33 3.31 -29.85 -5.12
N VAL B 34 2.43 -28.86 -5.29
CA VAL B 34 1.03 -29.18 -5.62
C VAL B 34 0.53 -28.44 -6.84
N TYR B 35 -0.14 -29.18 -7.71
CA TYR B 35 -0.68 -28.56 -8.93
C TYR B 35 -2.18 -28.57 -8.96
N GLY B 36 -2.74 -27.38 -9.19
CA GLY B 36 -4.16 -27.25 -9.30
C GLY B 36 -4.60 -27.62 -10.70
N ILE B 37 -5.43 -28.66 -10.79
CA ILE B 37 -6.01 -29.10 -12.05
C ILE B 37 -7.44 -28.54 -12.14
N TYR B 38 -7.69 -27.70 -13.16
CA TYR B 38 -8.94 -26.94 -13.23
C TYR B 38 -10.03 -27.65 -14.03
N ASN B 39 -11.29 -27.38 -13.73
CA ASN B 39 -12.41 -27.97 -14.48
C ASN B 39 -12.55 -29.48 -14.35
N GLY B 40 -12.34 -29.98 -13.13
CA GLY B 40 -12.43 -31.41 -12.87
C GLY B 40 -11.46 -32.21 -13.70
N TYR B 41 -11.92 -33.36 -14.18
CA TYR B 41 -11.09 -34.19 -15.05
C TYR B 41 -10.88 -33.56 -16.43
N ALA B 42 -11.73 -32.60 -16.79
CA ALA B 42 -11.61 -31.93 -18.09
C ALA B 42 -10.33 -31.09 -18.21
N GLY B 43 -9.65 -30.90 -17.07
CA GLY B 43 -8.41 -30.18 -17.02
C GLY B 43 -7.23 -31.09 -17.30
N LEU B 44 -7.38 -32.38 -16.98
CA LEU B 44 -6.35 -33.35 -17.35
C LEU B 44 -6.20 -33.50 -18.88
N ILE B 45 -7.27 -33.13 -19.60
CA ILE B 45 -7.26 -33.18 -21.06
C ILE B 45 -6.87 -31.86 -21.70
N SER B 46 -7.48 -30.75 -21.26
CA SER B 46 -7.11 -29.45 -21.80
C SER B 46 -5.71 -29.05 -21.37
N GLY B 47 -5.21 -29.70 -20.31
CA GLY B 47 -3.95 -29.33 -19.69
C GLY B 47 -4.03 -27.98 -19.00
N LYS B 48 -5.23 -27.55 -18.61
CA LYS B 48 -5.35 -26.33 -17.80
C LYS B 48 -4.94 -26.70 -16.37
N ILE B 49 -3.65 -26.55 -16.08
CA ILE B 49 -3.03 -27.03 -14.84
C ILE B 49 -2.01 -26.01 -14.40
N GLU B 50 -2.03 -25.65 -13.13
CA GLU B 50 -1.14 -24.60 -12.64
C GLU B 50 -0.58 -24.97 -11.28
N LYS B 51 0.68 -24.64 -11.04
CA LYS B 51 1.23 -24.83 -9.70
C LYS B 51 0.37 -23.99 -8.77
N LEU B 52 0.05 -24.55 -7.61
CA LEU B 52 -0.58 -23.78 -6.55
C LEU B 52 0.44 -23.43 -5.46
N GLU B 53 0.57 -22.13 -5.17
CA GLU B 53 1.45 -21.69 -4.10
C GLU B 53 0.65 -21.47 -2.83
N LEU B 54 1.36 -21.23 -1.72
CA LEU B 54 0.74 -20.91 -0.45
C LEU B 54 -0.28 -19.77 -0.59
N GLY B 55 0.13 -18.68 -1.25
CA GLY B 55 -0.73 -17.52 -1.38
C GLY B 55 -1.98 -17.82 -2.20
N SER B 56 -1.93 -18.90 -2.97
CA SER B 56 -3.06 -19.38 -3.75
C SER B 56 -4.25 -19.78 -2.87
N VAL B 57 -3.97 -20.36 -1.70
CA VAL B 57 -5.06 -20.83 -0.81
C VAL B 57 -5.23 -19.94 0.42
N GLY B 58 -4.85 -18.67 0.30
CA GLY B 58 -4.74 -17.82 1.47
C GLY B 58 -5.97 -17.00 1.79
N ASP B 59 -7.04 -17.17 1.03
CA ASP B 59 -8.24 -16.38 1.23
C ASP B 59 -9.48 -17.15 0.77
N ILE B 60 -9.46 -18.47 0.99
CA ILE B 60 -10.54 -19.30 0.49
C ILE B 60 -11.27 -20.16 1.53
N ILE B 61 -10.68 -20.33 2.72
CA ILE B 61 -11.24 -21.29 3.67
C ILE B 61 -12.72 -21.05 3.90
N HIS B 62 -13.12 -19.78 3.97
CA HIS B 62 -14.53 -19.40 4.17
C HIS B 62 -15.38 -19.24 2.91
N ARG B 63 -14.88 -19.69 1.75
CA ARG B 63 -15.61 -19.43 0.51
C ARG B 63 -16.33 -20.64 -0.04
N GLY B 64 -17.58 -20.42 -0.43
CA GLY B 64 -18.36 -21.47 -1.02
C GLY B 64 -17.75 -21.79 -2.38
N GLY B 65 -18.21 -22.87 -2.98
CA GLY B 65 -17.78 -23.23 -4.33
C GLY B 65 -16.41 -23.88 -4.32
N THR B 66 -15.85 -24.04 -5.54
CA THR B 66 -14.48 -24.50 -5.74
C THR B 66 -13.73 -23.54 -6.67
N LYS B 67 -12.59 -23.03 -6.20
CA LYS B 67 -11.75 -22.14 -7.03
C LYS B 67 -11.01 -22.91 -8.15
N LEU B 68 -11.05 -24.25 -8.10
CA LEU B 68 -10.51 -25.03 -9.21
C LEU B 68 -11.58 -25.31 -10.27
N TYR B 69 -12.83 -24.93 -9.99
CA TYR B 69 -13.97 -25.20 -10.90
C TYR B 69 -14.21 -26.70 -11.01
N THR B 70 -15.35 -27.05 -11.60
CA THR B 70 -15.64 -28.46 -11.86
C THR B 70 -16.46 -28.67 -13.13
N ALA B 71 -16.28 -29.83 -13.75
CA ALA B 71 -16.95 -30.11 -15.02
C ALA B 71 -17.04 -31.61 -15.32
N ARG B 72 -18.04 -31.96 -16.12
CA ARG B 72 -18.20 -33.36 -16.52
C ARG B 72 -17.24 -33.72 -17.66
N CYS B 73 -16.53 -34.82 -17.51
CA CYS B 73 -15.61 -35.23 -18.57
C CYS B 73 -15.81 -36.67 -19.08
N PRO B 74 -16.77 -36.84 -19.99
CA PRO B 74 -16.97 -38.13 -20.66
C PRO B 74 -15.75 -38.46 -21.50
N GLU B 75 -15.20 -37.43 -22.14
CA GLU B 75 -13.94 -37.59 -22.86
C GLU B 75 -12.96 -38.46 -22.06
N PHE B 76 -12.80 -38.15 -20.76
CA PHE B 76 -11.78 -38.80 -19.92
C PHE B 76 -12.01 -40.28 -19.69
N LYS B 77 -13.27 -40.69 -19.79
CA LYS B 77 -13.63 -42.10 -19.66
C LYS B 77 -13.14 -42.92 -20.86
N THR B 78 -13.00 -42.27 -22.01
CA THR B 78 -12.48 -42.95 -23.20
C THR B 78 -10.97 -43.21 -23.05
N VAL B 79 -10.52 -44.30 -23.64
CA VAL B 79 -9.09 -44.63 -23.62
C VAL B 79 -8.24 -43.46 -24.14
N GLU B 80 -8.70 -42.83 -25.23
CA GLU B 80 -8.03 -41.67 -25.81
C GLU B 80 -7.94 -40.53 -24.79
N GLY B 81 -9.10 -39.98 -24.41
CA GLY B 81 -9.13 -38.90 -23.45
C GLY B 81 -8.30 -39.21 -22.20
N ARG B 82 -8.32 -40.49 -21.80
CA ARG B 82 -7.66 -40.91 -20.57
C ARG B 82 -6.17 -40.75 -20.68
N GLU B 83 -5.63 -41.18 -21.82
CA GLU B 83 -4.21 -41.12 -22.05
C GLU B 83 -3.71 -39.71 -22.38
N LYS B 84 -4.60 -38.87 -22.93
CA LYS B 84 -4.26 -37.44 -23.09
C LYS B 84 -4.05 -36.92 -21.69
N GLY B 85 -4.91 -37.41 -20.80
CA GLY B 85 -4.88 -37.04 -19.39
C GLY B 85 -3.57 -37.46 -18.76
N ILE B 86 -3.22 -38.75 -18.89
CA ILE B 86 -2.00 -39.30 -18.32
C ILE B 86 -0.77 -38.58 -18.87
N ALA B 87 -0.81 -38.25 -20.16
CA ALA B 87 0.32 -37.62 -20.81
C ALA B 87 0.58 -36.23 -20.24
N ASN B 88 -0.51 -35.52 -19.91
CA ASN B 88 -0.34 -34.18 -19.31
C ASN B 88 0.27 -34.26 -17.91
N LEU B 89 -0.14 -35.27 -17.15
CA LEU B 89 0.42 -35.57 -15.84
C LEU B 89 1.94 -35.85 -15.93
N LYS B 90 2.32 -36.85 -16.73
CA LYS B 90 3.74 -37.16 -16.89
C LYS B 90 4.51 -35.90 -17.31
N LYS B 91 3.92 -35.14 -18.24
CA LYS B 91 4.53 -33.94 -18.78
C LYS B 91 4.98 -32.98 -17.70
N LEU B 92 4.16 -32.85 -16.65
CA LEU B 92 4.48 -31.98 -15.51
C LEU B 92 5.09 -32.76 -14.35
N GLY B 93 5.24 -34.08 -14.57
CA GLY B 93 5.76 -34.99 -13.56
C GLY B 93 4.95 -35.06 -12.27
N ILE B 94 3.63 -34.90 -12.39
CA ILE B 94 2.73 -35.10 -11.25
C ILE B 94 2.59 -36.60 -10.98
N GLU B 95 2.82 -37.02 -9.74
CA GLU B 95 2.91 -38.44 -9.40
C GLU B 95 1.62 -39.02 -8.79
N GLY B 96 0.78 -38.15 -8.27
CA GLY B 96 -0.40 -38.59 -7.55
C GLY B 96 -1.45 -37.50 -7.49
N LEU B 97 -2.69 -37.91 -7.25
CA LEU B 97 -3.77 -36.95 -7.22
C LEU B 97 -4.65 -37.09 -5.98
N VAL B 98 -5.04 -35.95 -5.42
CA VAL B 98 -6.16 -35.94 -4.47
C VAL B 98 -7.38 -35.48 -5.27
N VAL B 99 -8.40 -36.33 -5.30
CA VAL B 99 -9.65 -36.01 -6.00
C VAL B 99 -10.74 -35.66 -5.00
N ILE B 100 -11.25 -34.42 -5.07
CA ILE B 100 -12.29 -33.98 -4.13
C ILE B 100 -13.65 -33.86 -4.79
N GLY B 101 -14.62 -34.66 -4.35
CA GLY B 101 -15.97 -34.52 -4.83
C GLY B 101 -16.83 -35.78 -4.75
N GLY B 102 -17.84 -35.85 -5.61
CA GLY B 102 -18.81 -36.94 -5.64
C GLY B 102 -18.29 -38.37 -5.87
N ASP B 103 -19.24 -39.29 -6.03
CA ASP B 103 -18.91 -40.71 -6.17
C ASP B 103 -18.74 -41.10 -7.64
N GLY B 104 -19.26 -40.27 -8.52
CA GLY B 104 -18.85 -40.33 -9.91
C GLY B 104 -17.32 -40.24 -9.97
N SER B 105 -16.78 -39.26 -9.24
CA SER B 105 -15.35 -38.95 -9.29
C SER B 105 -14.42 -40.04 -8.72
N TYR B 106 -14.92 -40.87 -7.79
CA TYR B 106 -14.05 -41.91 -7.21
C TYR B 106 -13.62 -42.94 -8.24
N MET B 107 -14.31 -42.98 -9.39
CA MET B 107 -13.98 -43.95 -10.45
C MET B 107 -12.74 -43.50 -11.21
N GLY B 108 -12.69 -42.20 -11.52
CA GLY B 108 -11.55 -41.66 -12.24
C GLY B 108 -10.29 -41.91 -11.45
N ALA B 109 -10.42 -41.97 -10.13
CA ALA B 109 -9.26 -42.03 -9.24
C ALA B 109 -8.71 -43.43 -9.03
N LYS B 110 -9.55 -44.44 -9.23
CA LYS B 110 -9.11 -45.82 -9.11
C LYS B 110 -8.49 -46.22 -10.44
N LYS B 111 -9.10 -45.72 -11.51
CA LYS B 111 -8.54 -45.84 -12.86
C LYS B 111 -7.09 -45.37 -12.88
N LEU B 112 -6.87 -44.13 -12.41
CA LEU B 112 -5.51 -43.59 -12.44
C LEU B 112 -4.53 -44.40 -11.58
N THR B 113 -5.03 -44.94 -10.47
CA THR B 113 -4.18 -45.71 -9.55
C THR B 113 -3.68 -46.98 -10.25
N GLU B 114 -4.56 -47.65 -10.99
CA GLU B 114 -4.17 -48.84 -11.76
C GLU B 114 -3.18 -48.54 -12.90
N HIS B 115 -3.12 -47.27 -13.32
CA HIS B 115 -2.21 -46.86 -14.36
C HIS B 115 -0.96 -46.14 -13.81
N GLY B 116 -0.59 -46.47 -12.57
CA GLY B 116 0.63 -45.94 -11.96
C GLY B 116 0.54 -44.58 -11.27
N PHE B 117 -0.65 -43.98 -11.26
CA PHE B 117 -0.83 -42.66 -10.64
C PHE B 117 -1.73 -42.79 -9.41
N PRO B 118 -1.11 -43.01 -8.25
CA PRO B 118 -1.89 -43.23 -7.03
C PRO B 118 -2.82 -42.04 -6.77
N CYS B 119 -4.07 -42.34 -6.47
CA CYS B 119 -5.07 -41.30 -6.19
C CYS B 119 -5.81 -41.57 -4.89
N VAL B 120 -6.06 -40.49 -4.16
CA VAL B 120 -6.89 -40.58 -2.97
C VAL B 120 -8.14 -39.73 -3.14
N GLY B 121 -9.29 -40.33 -2.84
CA GLY B 121 -10.58 -39.68 -2.98
C GLY B 121 -11.07 -39.01 -1.71
N VAL B 122 -11.66 -37.84 -1.88
CA VAL B 122 -12.15 -37.06 -0.74
C VAL B 122 -13.63 -36.66 -0.97
N PRO B 123 -14.50 -37.02 -0.02
CA PRO B 123 -15.95 -36.90 -0.25
C PRO B 123 -16.46 -35.45 -0.21
N GLY B 124 -16.71 -34.87 -1.39
CA GLY B 124 -17.33 -33.55 -1.48
C GLY B 124 -18.67 -33.56 -2.21
N THR B 125 -19.76 -33.43 -1.43
CA THR B 125 -21.13 -33.37 -1.94
C THR B 125 -22.05 -32.96 -0.80
N ILE B 126 -23.09 -32.15 -1.09
CA ILE B 126 -24.07 -31.80 -0.05
C ILE B 126 -25.02 -32.95 0.27
N ASP B 127 -25.05 -33.96 -0.61
CA ASP B 127 -26.04 -35.05 -0.53
C ASP B 127 -25.78 -36.06 0.61
N ASN B 128 -24.56 -36.05 1.16
CA ASN B 128 -24.18 -36.96 2.24
C ASN B 128 -24.32 -38.43 1.83
N ASP B 129 -24.16 -38.71 0.54
CA ASP B 129 -24.44 -40.04 -0.01
C ASP B 129 -23.22 -40.82 -0.53
N ILE B 130 -22.05 -40.52 0.01
CA ILE B 130 -20.84 -41.24 -0.35
C ILE B 130 -20.48 -42.29 0.71
N PRO B 131 -20.44 -43.55 0.30
CA PRO B 131 -20.09 -44.65 1.22
C PRO B 131 -18.66 -44.49 1.74
N GLY B 132 -18.40 -45.02 2.94
CA GLY B 132 -17.10 -44.87 3.56
C GLY B 132 -17.04 -43.68 4.52
N THR B 133 -18.09 -42.86 4.51
CA THR B 133 -18.15 -41.73 5.42
C THR B 133 -19.57 -41.52 5.95
N ASP B 134 -19.67 -41.24 7.26
CA ASP B 134 -20.93 -40.84 7.85
C ASP B 134 -21.37 -39.50 7.26
N PHE B 135 -20.38 -38.69 6.88
CA PHE B 135 -20.64 -37.31 6.50
C PHE B 135 -19.75 -36.87 5.35
N THR B 136 -20.33 -36.10 4.44
CA THR B 136 -19.61 -35.60 3.30
C THR B 136 -19.47 -34.09 3.44
N ILE B 137 -18.45 -33.53 2.81
CA ILE B 137 -18.20 -32.10 2.94
C ILE B 137 -19.27 -31.27 2.20
N GLY B 138 -20.06 -30.50 2.96
CA GLY B 138 -21.10 -29.67 2.37
C GLY B 138 -22.48 -30.03 2.88
N PHE B 139 -22.62 -31.25 3.39
CA PHE B 139 -23.86 -31.66 3.98
C PHE B 139 -24.32 -30.67 5.06
N ASP B 140 -23.56 -30.61 6.16
CA ASP B 140 -23.90 -29.72 7.25
C ASP B 140 -24.28 -28.33 6.76
N THR B 141 -23.49 -27.75 5.85
CA THR B 141 -23.79 -26.41 5.32
C THR B 141 -25.17 -26.38 4.62
N ALA B 142 -25.45 -27.44 3.83
CA ALA B 142 -26.73 -27.60 3.13
C ALA B 142 -27.87 -27.56 4.12
N LEU B 143 -27.73 -28.37 5.16
CA LEU B 143 -28.73 -28.44 6.22
C LEU B 143 -29.04 -27.07 6.75
N ASN B 144 -28.00 -26.31 7.07
CA ASN B 144 -28.25 -24.97 7.58
C ASN B 144 -28.96 -24.09 6.56
N THR B 145 -28.60 -24.24 5.28
CA THR B 145 -29.29 -23.49 4.22
C THR B 145 -30.76 -23.87 4.22
N VAL B 146 -31.05 -25.16 4.23
CA VAL B 146 -32.43 -25.62 4.29
C VAL B 146 -33.21 -25.08 5.48
N ILE B 147 -32.82 -25.45 6.72
CA ILE B 147 -33.54 -24.96 7.91
C ILE B 147 -33.70 -23.44 7.93
N ASP B 148 -32.72 -22.72 7.40
CA ASP B 148 -32.90 -21.27 7.31
C ASP B 148 -34.13 -20.90 6.46
N ALA B 149 -34.27 -21.55 5.32
CA ALA B 149 -35.43 -21.35 4.41
C ALA B 149 -36.76 -21.78 5.04
N ILE B 150 -36.76 -22.97 5.64
CA ILE B 150 -37.89 -23.49 6.38
C ILE B 150 -38.33 -22.49 7.47
N ASP B 151 -37.37 -22.00 8.24
CA ASP B 151 -37.69 -21.03 9.30
C ASP B 151 -38.43 -19.82 8.74
N LYS B 152 -38.11 -19.46 7.51
CA LYS B 152 -38.69 -18.27 6.90
C LYS B 152 -40.08 -18.60 6.37
N ILE B 153 -40.24 -19.84 5.90
CA ILE B 153 -41.53 -20.29 5.39
C ILE B 153 -42.53 -20.52 6.53
N ARG B 154 -42.05 -21.07 7.63
CA ARG B 154 -42.86 -21.15 8.85
C ARG B 154 -43.48 -19.82 9.30
N ASP B 155 -42.69 -18.73 9.37
CA ASP B 155 -43.27 -17.38 9.55
C ASP B 155 -44.50 -17.09 8.66
N THR B 156 -44.41 -17.32 7.35
CA THR B 156 -45.56 -16.98 6.49
C THR B 156 -46.69 -18.01 6.57
N ALA B 157 -46.32 -19.30 6.58
CA ALA B 157 -47.26 -20.40 6.80
C ALA B 157 -48.09 -20.20 8.08
N THR B 158 -47.42 -19.76 9.15
CA THR B 158 -48.08 -19.55 10.43
C THR B 158 -49.02 -18.35 10.38
N SER B 159 -48.53 -17.24 9.83
CA SER B 159 -49.35 -16.03 9.75
C SER B 159 -50.64 -16.23 8.96
N HIS B 160 -50.56 -17.09 7.94
CA HIS B 160 -51.67 -17.29 7.00
C HIS B 160 -52.41 -18.60 7.24
N GLU B 161 -51.93 -19.36 8.22
CA GLU B 161 -52.50 -20.67 8.54
C GLU B 161 -52.58 -21.50 7.27
N ARG B 162 -51.45 -21.62 6.60
CA ARG B 162 -51.35 -22.46 5.39
C ARG B 162 -50.48 -23.66 5.65
N THR B 163 -50.66 -24.68 4.80
CA THR B 163 -49.79 -25.85 4.79
C THR B 163 -48.84 -25.78 3.59
N TYR B 164 -47.58 -26.13 3.81
CA TYR B 164 -46.51 -26.05 2.81
C TYR B 164 -45.80 -27.37 2.52
N VAL B 165 -45.57 -27.61 1.23
CA VAL B 165 -44.72 -28.70 0.80
C VAL B 165 -43.38 -28.08 0.37
N ILE B 166 -42.29 -28.53 0.97
CA ILE B 166 -40.97 -28.03 0.60
C ILE B 166 -40.09 -29.13 0.03
N GLU B 167 -39.71 -28.98 -1.24
CA GLU B 167 -38.77 -29.88 -1.90
C GLU B 167 -37.29 -29.55 -1.63
N VAL B 168 -36.57 -30.55 -1.12
CA VAL B 168 -35.14 -30.35 -0.85
C VAL B 168 -34.35 -31.21 -1.83
N MET B 169 -33.12 -30.79 -2.15
CA MET B 169 -32.26 -31.63 -2.94
C MET B 169 -31.82 -32.85 -2.13
N GLY B 170 -30.98 -33.69 -2.74
CA GLY B 170 -30.45 -34.87 -2.07
C GLY B 170 -30.11 -35.94 -3.09
N ARG B 171 -30.52 -35.68 -4.34
CA ARG B 171 -30.34 -36.62 -5.42
C ARG B 171 -31.17 -37.86 -5.12
N HIS B 172 -30.48 -38.95 -4.77
CA HIS B 172 -31.13 -40.21 -4.41
C HIS B 172 -31.16 -40.50 -2.93
N ALA B 173 -30.60 -39.60 -2.13
CA ALA B 173 -30.51 -39.84 -0.68
C ALA B 173 -31.41 -38.91 0.16
N GLY B 174 -32.05 -39.46 1.20
CA GLY B 174 -32.98 -38.70 2.01
C GLY B 174 -32.35 -37.96 3.19
N ASP B 175 -31.01 -37.90 3.25
CA ASP B 175 -30.35 -37.36 4.44
C ASP B 175 -30.69 -35.89 4.67
N ILE B 176 -30.62 -35.10 3.60
CA ILE B 176 -30.97 -33.68 3.70
C ILE B 176 -32.39 -33.53 4.21
N ALA B 177 -33.32 -34.14 3.50
CA ALA B 177 -34.71 -34.14 3.94
C ALA B 177 -34.88 -34.63 5.37
N LEU B 178 -34.24 -35.75 5.71
CA LEU B 178 -34.45 -36.36 7.04
C LEU B 178 -33.94 -35.47 8.18
N TRP B 179 -32.72 -34.95 8.05
CA TRP B 179 -32.10 -34.15 9.06
C TRP B 179 -32.78 -32.78 9.14
N ALA B 180 -33.16 -32.23 7.98
CA ALA B 180 -33.75 -30.90 7.92
C ALA B 180 -35.20 -30.93 8.41
N GLY B 181 -35.92 -31.98 8.03
CA GLY B 181 -37.25 -32.21 8.56
C GLY B 181 -37.24 -32.26 10.08
N LEU B 182 -36.50 -33.22 10.63
CA LEU B 182 -36.31 -33.27 12.08
C LEU B 182 -36.03 -31.87 12.64
N ALA B 183 -35.03 -31.20 12.07
CA ALA B 183 -34.50 -29.98 12.68
C ALA B 183 -35.50 -28.81 12.61
N GLY B 184 -36.46 -28.91 11.71
CA GLY B 184 -37.42 -27.84 11.51
C GLY B 184 -38.77 -28.22 12.08
N GLY B 185 -38.87 -29.40 12.69
CA GLY B 185 -40.14 -29.88 13.23
C GLY B 185 -41.21 -30.04 12.14
N ALA B 186 -40.88 -30.78 11.10
CA ALA B 186 -41.81 -30.92 9.98
C ALA B 186 -42.88 -31.91 10.38
N GLU B 187 -44.11 -31.66 9.93
CA GLU B 187 -45.23 -32.53 10.26
C GLU B 187 -44.99 -33.90 9.64
N SER B 188 -44.38 -33.93 8.46
CA SER B 188 -43.99 -35.22 7.90
C SER B 188 -42.81 -35.08 6.94
N ILE B 189 -42.16 -36.21 6.67
CA ILE B 189 -40.93 -36.24 5.89
C ILE B 189 -40.99 -37.42 4.94
N LEU B 190 -40.71 -37.15 3.65
CA LEU B 190 -40.73 -38.15 2.59
C LEU B 190 -39.33 -38.41 2.02
N ILE B 191 -38.86 -39.63 2.21
CA ILE B 191 -37.49 -39.97 1.84
C ILE B 191 -37.47 -41.34 1.20
N PRO B 192 -36.53 -41.56 0.27
CA PRO B 192 -36.47 -42.80 -0.50
C PRO B 192 -36.26 -44.04 0.40
N GLU B 193 -35.59 -43.85 1.54
CA GLU B 193 -35.16 -44.99 2.34
C GLU B 193 -36.26 -45.57 3.21
N ALA B 194 -37.34 -44.80 3.42
CA ALA B 194 -38.43 -45.24 4.29
C ALA B 194 -39.79 -45.08 3.63
N ASP B 195 -40.67 -46.07 3.84
CA ASP B 195 -41.99 -45.98 3.27
C ASP B 195 -42.77 -44.82 3.87
N TYR B 196 -43.57 -44.19 3.03
CA TYR B 196 -44.57 -43.22 3.46
C TYR B 196 -45.90 -43.66 2.87
N ASP B 197 -46.99 -43.22 3.52
CA ASP B 197 -48.33 -43.38 2.98
C ASP B 197 -49.02 -42.01 2.95
N MET B 198 -49.48 -41.64 1.74
CA MET B 198 -50.01 -40.29 1.49
C MET B 198 -51.32 -40.06 2.20
N HIS B 199 -52.01 -41.15 2.48
CA HIS B 199 -53.28 -41.09 3.15
C HIS B 199 -53.02 -40.94 4.66
N GLU B 200 -52.03 -41.67 5.14
CA GLU B 200 -51.57 -41.59 6.52
C GLU B 200 -51.12 -40.16 6.80
N ILE B 201 -50.67 -39.50 5.74
CA ILE B 201 -50.14 -38.14 5.82
C ILE B 201 -51.23 -37.08 5.82
N ILE B 202 -52.25 -37.28 4.99
CA ILE B 202 -53.44 -36.45 5.06
C ILE B 202 -54.08 -36.64 6.44
N ALA B 203 -54.16 -37.89 6.88
CA ALA B 203 -54.75 -38.23 8.16
C ALA B 203 -54.10 -37.46 9.30
N ARG B 204 -52.78 -37.56 9.39
CA ARG B 204 -52.03 -36.87 10.44
C ARG B 204 -52.30 -35.37 10.41
N LEU B 205 -52.83 -34.93 9.28
CA LEU B 205 -52.88 -33.51 8.90
C LEU B 205 -54.26 -32.93 9.16
N LYS B 206 -55.28 -33.76 9.03
CA LYS B 206 -56.65 -33.43 9.44
C LYS B 206 -56.75 -33.47 10.97
N ARG B 207 -56.09 -34.46 11.57
CA ARG B 207 -56.07 -34.65 13.02
C ARG B 207 -55.10 -33.68 13.69
N GLY B 208 -54.57 -32.76 12.89
CA GLY B 208 -53.77 -31.68 13.42
C GLY B 208 -54.58 -30.40 13.43
N HIS B 209 -55.36 -30.19 12.36
CA HIS B 209 -56.19 -29.00 12.25
C HIS B 209 -57.50 -29.17 13.04
N GLU B 210 -57.83 -30.42 13.36
CA GLU B 210 -58.87 -30.72 14.32
C GLU B 210 -58.47 -30.06 15.64
N ARG B 211 -57.36 -30.54 16.19
CA ARG B 211 -56.83 -30.01 17.44
C ARG B 211 -56.29 -28.58 17.31
N GLY B 212 -56.40 -27.99 16.12
CA GLY B 212 -56.06 -26.59 15.94
C GLY B 212 -54.63 -26.26 15.53
N LYS B 213 -53.98 -27.17 14.81
CA LYS B 213 -52.78 -26.81 14.06
C LYS B 213 -53.32 -26.11 12.83
N LYS B 214 -52.98 -24.85 12.68
CA LYS B 214 -53.47 -24.11 11.52
C LYS B 214 -52.58 -24.29 10.28
N HIS B 215 -51.31 -24.63 10.54
CA HIS B 215 -50.29 -24.73 9.51
C HIS B 215 -49.44 -26.00 9.69
N SER B 216 -48.87 -26.47 8.60
CA SER B 216 -47.99 -27.63 8.62
C SER B 216 -46.87 -27.48 7.57
N ILE B 217 -45.75 -28.17 7.80
CA ILE B 217 -44.68 -28.22 6.85
C ILE B 217 -44.38 -29.67 6.50
N ILE B 218 -44.34 -29.96 5.20
CA ILE B 218 -44.02 -31.32 4.79
C ILE B 218 -42.74 -31.27 3.99
N ILE B 219 -41.82 -32.17 4.28
CA ILE B 219 -40.53 -32.16 3.59
C ILE B 219 -40.41 -33.29 2.56
N VAL B 220 -40.01 -32.95 1.34
CA VAL B 220 -39.93 -33.98 0.31
C VAL B 220 -38.55 -34.02 -0.33
N ALA B 221 -37.86 -35.15 -0.15
CA ALA B 221 -36.60 -35.33 -0.82
C ALA B 221 -36.90 -35.42 -2.33
N GLU B 222 -36.08 -34.77 -3.16
CA GLU B 222 -36.31 -34.78 -4.58
C GLU B 222 -36.20 -36.21 -5.15
N GLY B 223 -35.61 -37.11 -4.36
CA GLY B 223 -35.46 -38.51 -4.78
C GLY B 223 -36.73 -39.36 -4.63
N VAL B 224 -37.80 -38.77 -4.09
CA VAL B 224 -39.09 -39.46 -4.04
C VAL B 224 -40.05 -38.92 -5.11
N GLY B 225 -39.87 -37.64 -5.48
CA GLY B 225 -40.68 -37.06 -6.54
C GLY B 225 -40.82 -35.55 -6.41
N SER B 226 -41.84 -35.01 -7.08
CA SER B 226 -42.03 -33.57 -7.20
C SER B 226 -42.99 -32.98 -6.16
N GLY B 227 -42.56 -31.89 -5.54
CA GLY B 227 -43.37 -31.21 -4.54
C GLY B 227 -44.63 -30.59 -5.13
N VAL B 228 -44.54 -30.20 -6.40
CA VAL B 228 -45.69 -29.61 -7.09
C VAL B 228 -46.76 -30.68 -7.33
N GLU B 229 -46.34 -31.95 -7.31
CA GLU B 229 -47.22 -33.12 -7.44
C GLU B 229 -47.90 -33.36 -6.11
N PHE B 230 -47.08 -33.52 -5.06
CA PHE B 230 -47.60 -33.86 -3.75
C PHE B 230 -48.54 -32.75 -3.28
N GLY B 231 -48.18 -31.51 -3.58
CA GLY B 231 -48.99 -30.36 -3.17
C GLY B 231 -50.40 -30.37 -3.75
N LYS B 232 -50.55 -30.89 -4.96
CA LYS B 232 -51.86 -30.85 -5.60
C LYS B 232 -52.72 -32.01 -5.17
N ARG B 233 -52.08 -33.17 -5.06
CA ARG B 233 -52.71 -34.37 -4.56
C ARG B 233 -53.19 -34.17 -3.12
N ILE B 234 -52.57 -33.19 -2.46
CA ILE B 234 -52.96 -32.81 -1.10
C ILE B 234 -54.13 -31.82 -1.12
N GLU B 235 -54.05 -30.82 -2.00
CA GLU B 235 -55.12 -29.83 -2.15
C GLU B 235 -56.45 -30.50 -2.48
N GLU B 236 -56.37 -31.65 -3.15
CA GLU B 236 -57.57 -32.34 -3.59
C GLU B 236 -58.29 -33.02 -2.46
N GLU B 237 -57.54 -33.74 -1.63
CA GLU B 237 -58.16 -34.55 -0.57
C GLU B 237 -58.32 -33.80 0.75
N THR B 238 -58.10 -32.49 0.72
CA THR B 238 -58.32 -31.66 1.89
C THR B 238 -59.02 -30.37 1.50
N ASN B 239 -59.01 -30.05 0.21
CA ASN B 239 -59.57 -28.79 -0.28
C ASN B 239 -59.01 -27.60 0.50
N LEU B 240 -57.75 -27.72 0.90
CA LEU B 240 -57.16 -26.82 1.89
C LEU B 240 -55.90 -26.12 1.37
N GLU B 241 -56.03 -24.81 1.16
CA GLU B 241 -54.93 -23.91 0.84
C GLU B 241 -53.55 -24.52 1.02
N THR B 242 -52.97 -25.04 -0.08
CA THR B 242 -51.64 -25.63 -0.05
C THR B 242 -50.68 -24.79 -0.89
N ARG B 243 -49.43 -24.67 -0.43
CA ARG B 243 -48.38 -24.01 -1.19
C ARG B 243 -47.16 -24.91 -1.34
N VAL B 244 -46.49 -24.86 -2.49
CA VAL B 244 -45.26 -25.63 -2.70
C VAL B 244 -44.11 -24.67 -2.88
N SER B 245 -42.93 -25.03 -2.36
CA SER B 245 -41.73 -24.29 -2.69
C SER B 245 -40.59 -25.26 -2.99
N VAL B 246 -39.90 -25.03 -4.10
CA VAL B 246 -38.78 -25.87 -4.50
C VAL B 246 -37.48 -25.11 -4.24
N LEU B 247 -36.82 -25.46 -3.13
CA LEU B 247 -35.68 -24.67 -2.67
C LEU B 247 -34.62 -24.47 -3.75
N GLY B 248 -34.26 -25.55 -4.48
CA GLY B 248 -33.34 -25.41 -5.59
C GLY B 248 -31.86 -25.29 -5.24
N HIS B 249 -31.12 -24.62 -6.11
CA HIS B 249 -29.65 -24.64 -6.05
C HIS B 249 -28.96 -23.82 -4.96
N ILE B 250 -29.74 -23.01 -4.25
CA ILE B 250 -29.20 -22.33 -3.07
C ILE B 250 -28.57 -23.37 -2.15
N GLN B 251 -29.11 -24.59 -2.17
CA GLN B 251 -28.63 -25.61 -1.23
C GLN B 251 -27.18 -25.96 -1.49
N ARG B 252 -26.66 -25.53 -2.65
CA ARG B 252 -25.33 -25.91 -3.09
C ARG B 252 -24.28 -24.87 -2.76
N GLY B 253 -24.71 -23.60 -2.63
CA GLY B 253 -23.76 -22.50 -2.52
C GLY B 253 -23.55 -22.04 -1.11
N GLY B 254 -22.90 -20.89 -0.93
CA GLY B 254 -22.76 -20.27 0.39
C GLY B 254 -21.49 -20.67 1.13
N SER B 255 -21.02 -19.75 1.97
CA SER B 255 -19.86 -19.98 2.83
C SER B 255 -20.15 -21.15 3.78
N PRO B 256 -19.24 -22.13 3.86
CA PRO B 256 -19.46 -23.38 4.62
C PRO B 256 -19.52 -23.17 6.12
N SER B 257 -20.35 -23.98 6.77
CA SER B 257 -20.44 -24.03 8.22
C SER B 257 -19.09 -24.37 8.89
N ALA B 258 -19.00 -24.10 10.18
CA ALA B 258 -17.81 -24.50 10.93
C ALA B 258 -17.58 -26.01 10.81
N ALA B 259 -18.66 -26.79 10.89
CA ALA B 259 -18.57 -28.24 10.77
C ALA B 259 -17.90 -28.65 9.46
N ASP B 260 -18.37 -28.13 8.33
CA ASP B 260 -17.80 -28.47 7.01
C ASP B 260 -16.35 -28.01 6.84
N ARG B 261 -16.01 -26.82 7.36
CA ARG B 261 -14.62 -26.33 7.25
C ARG B 261 -13.66 -27.28 7.97
N VAL B 262 -13.99 -27.60 9.22
CA VAL B 262 -13.19 -28.56 9.99
C VAL B 262 -13.11 -29.93 9.31
N LEU B 263 -14.25 -30.42 8.83
CA LEU B 263 -14.27 -31.72 8.16
C LEU B 263 -13.36 -31.66 6.93
N ALA B 264 -13.50 -30.61 6.11
CA ALA B 264 -12.72 -30.52 4.87
C ALA B 264 -11.21 -30.42 5.16
N SER B 265 -10.85 -29.55 6.10
CA SER B 265 -9.49 -29.46 6.59
C SER B 265 -8.93 -30.79 7.07
N ARG B 266 -9.70 -31.51 7.87
CA ARG B 266 -9.20 -32.78 8.41
C ARG B 266 -9.03 -33.85 7.33
N LEU B 267 -9.97 -33.92 6.40
CA LEU B 267 -9.95 -34.97 5.38
C LEU B 267 -8.93 -34.64 4.26
N GLY B 268 -8.79 -33.35 3.93
CA GLY B 268 -7.87 -32.95 2.88
C GLY B 268 -6.43 -33.27 3.30
N ALA B 269 -6.06 -32.86 4.52
CA ALA B 269 -4.73 -33.19 5.04
C ALA B 269 -4.56 -34.71 5.13
N TYR B 270 -5.60 -35.40 5.58
CA TYR B 270 -5.54 -36.84 5.73
C TYR B 270 -5.20 -37.47 4.38
N ALA B 271 -5.89 -37.03 3.33
CA ALA B 271 -5.69 -37.58 2.00
C ALA B 271 -4.22 -37.47 1.55
N VAL B 272 -3.66 -36.26 1.62
CA VAL B 272 -2.24 -36.05 1.32
C VAL B 272 -1.35 -37.04 2.07
N GLU B 273 -1.66 -37.27 3.34
CA GLU B 273 -0.90 -38.17 4.21
C GLU B 273 -0.76 -39.55 3.58
N LEU B 274 -1.85 -40.08 3.05
CA LEU B 274 -1.85 -41.45 2.52
C LEU B 274 -1.16 -41.52 1.18
N LEU B 275 -1.31 -40.45 0.39
CA LEU B 275 -0.65 -40.35 -0.90
C LEU B 275 0.86 -40.44 -0.66
N LEU B 276 1.33 -39.55 0.20
CA LEU B 276 2.75 -39.50 0.57
C LEU B 276 3.19 -40.75 1.33
N GLU B 277 2.33 -41.74 1.39
CA GLU B 277 2.60 -42.89 2.23
C GLU B 277 2.71 -44.16 1.42
N GLY B 278 2.37 -44.06 0.15
CA GLY B 278 2.40 -45.22 -0.73
C GLY B 278 1.06 -45.91 -0.84
N LYS B 279 0.01 -45.31 -0.27
CA LYS B 279 -1.35 -45.81 -0.43
C LYS B 279 -1.97 -45.16 -1.67
N GLY B 280 -2.67 -45.96 -2.48
CA GLY B 280 -3.36 -45.45 -3.64
C GLY B 280 -4.66 -46.19 -3.78
N GLY B 281 -5.61 -45.62 -4.52
CA GLY B 281 -6.94 -46.22 -4.67
C GLY B 281 -7.77 -46.26 -3.38
N ARG B 282 -7.49 -45.29 -2.50
CA ARG B 282 -8.22 -45.18 -1.25
C ARG B 282 -9.09 -43.93 -1.25
N CYS B 283 -10.14 -43.94 -0.44
CA CYS B 283 -10.92 -42.74 -0.14
C CYS B 283 -10.86 -42.59 1.36
N VAL B 284 -11.01 -41.36 1.86
CA VAL B 284 -11.06 -41.16 3.31
C VAL B 284 -12.45 -40.75 3.76
N GLY B 285 -12.64 -40.64 5.07
CA GLY B 285 -13.90 -40.15 5.60
C GLY B 285 -13.95 -40.20 7.13
N ILE B 286 -15.14 -39.96 7.66
CA ILE B 286 -15.33 -40.00 9.11
C ILE B 286 -16.43 -41.01 9.47
N GLN B 287 -16.06 -42.03 10.24
CA GLN B 287 -17.02 -43.05 10.64
C GLN B 287 -16.98 -43.25 12.16
N ASN B 288 -18.15 -43.16 12.81
CA ASN B 288 -18.17 -43.28 14.25
C ASN B 288 -17.21 -42.25 14.86
N ASN B 289 -17.27 -41.03 14.31
CA ASN B 289 -16.44 -39.92 14.74
C ASN B 289 -14.95 -40.20 14.72
N LYS B 290 -14.55 -41.14 13.85
CA LYS B 290 -13.14 -41.47 13.67
C LYS B 290 -12.76 -41.38 12.19
N LEU B 291 -11.59 -40.79 11.94
CA LEU B 291 -11.02 -40.66 10.59
C LEU B 291 -10.59 -42.01 10.05
N VAL B 292 -11.14 -42.40 8.90
CA VAL B 292 -10.85 -43.69 8.28
C VAL B 292 -10.57 -43.53 6.79
N ASP B 293 -10.04 -44.59 6.19
CA ASP B 293 -9.79 -44.63 4.75
C ASP B 293 -10.09 -46.05 4.30
N HIS B 294 -10.41 -46.19 3.02
CA HIS B 294 -10.95 -47.45 2.51
C HIS B 294 -10.50 -47.73 1.10
N ASP B 295 -10.26 -49.00 0.78
CA ASP B 295 -10.07 -49.37 -0.61
C ASP B 295 -11.34 -48.97 -1.35
N ILE B 296 -11.19 -48.14 -2.37
CA ILE B 296 -12.33 -47.59 -3.10
C ILE B 296 -13.25 -48.66 -3.66
N ILE B 297 -12.68 -49.66 -4.33
CA ILE B 297 -13.48 -50.69 -4.97
C ILE B 297 -14.26 -51.56 -3.98
N GLU B 298 -13.68 -51.79 -2.80
CA GLU B 298 -14.35 -52.59 -1.77
C GLU B 298 -15.69 -52.00 -1.34
N ILE B 299 -15.82 -50.68 -1.51
CA ILE B 299 -16.89 -49.96 -0.86
C ILE B 299 -17.73 -49.13 -1.82
N LEU B 300 -17.50 -49.30 -3.12
CA LEU B 300 -18.39 -48.70 -4.10
C LEU B 300 -19.58 -49.63 -4.27
N GLU B 301 -19.44 -50.85 -3.72
CA GLU B 301 -20.51 -51.84 -3.70
C GLU B 301 -21.54 -51.49 -2.64
N THR B 302 -21.05 -51.12 -1.46
CA THR B 302 -21.88 -50.87 -0.28
C THR B 302 -22.92 -49.77 -0.50
N LYS B 303 -24.14 -50.05 -0.06
CA LYS B 303 -25.32 -49.23 -0.38
C LYS B 303 -25.70 -48.30 0.80
N HIS B 304 -26.21 -47.12 0.47
CA HIS B 304 -26.39 -46.02 1.45
C HIS B 304 -27.54 -46.18 2.43
N THR B 305 -27.29 -45.87 3.69
CA THR B 305 -28.31 -45.87 4.73
C THR B 305 -28.46 -44.52 5.41
N VAL B 306 -29.70 -44.13 5.66
CA VAL B 306 -29.97 -43.10 6.62
C VAL B 306 -30.09 -43.86 7.95
N GLU B 307 -30.13 -43.16 9.06
CA GLU B 307 -30.38 -43.85 10.32
C GLU B 307 -31.88 -43.96 10.55
N GLN B 308 -32.41 -45.19 10.51
CA GLN B 308 -33.85 -45.38 10.63
C GLN B 308 -34.40 -44.95 12.01
N ASN B 309 -33.61 -45.16 13.06
CA ASN B 309 -33.94 -44.74 14.41
C ASN B 309 -34.21 -43.23 14.45
N MET B 310 -33.65 -42.50 13.49
CA MET B 310 -33.85 -41.05 13.38
C MET B 310 -35.14 -40.73 12.63
N TYR B 311 -35.52 -41.59 11.68
CA TYR B 311 -36.82 -41.45 11.01
C TYR B 311 -38.00 -41.71 11.96
N GLN B 312 -37.91 -42.79 12.74
CA GLN B 312 -38.90 -43.08 13.78
C GLN B 312 -39.15 -41.84 14.60
N LEU B 313 -38.07 -41.28 15.12
CA LEU B 313 -38.17 -40.15 16.03
C LEU B 313 -38.97 -39.02 15.38
N SER B 314 -38.69 -38.76 14.10
CA SER B 314 -39.42 -37.70 13.38
C SER B 314 -40.93 -37.97 13.38
N LYS B 315 -41.33 -39.25 13.30
CA LYS B 315 -42.75 -39.62 13.40
C LYS B 315 -43.29 -39.30 14.81
N GLU B 316 -42.57 -39.76 15.83
CA GLU B 316 -42.94 -39.58 17.23
C GLU B 316 -43.03 -38.10 17.67
N LEU B 317 -42.26 -37.23 17.04
CA LEU B 317 -42.26 -35.82 17.43
C LEU B 317 -43.17 -34.91 16.58
N SER B 318 -43.86 -35.49 15.60
CA SER B 318 -44.73 -34.70 14.71
C SER B 318 -46.21 -34.79 15.10
N ILE B 319 -46.59 -35.92 15.68
CA ILE B 319 -48.00 -36.31 15.85
C ILE B 319 -49.03 -35.17 15.81
#